data_3MTX
#
_entry.id   3MTX
#
_cell.length_a   40.118
_cell.length_b   76.494
_cell.length_c   101.936
_cell.angle_alpha   90.00
_cell.angle_beta   90.00
_cell.angle_gamma   90.00
#
_symmetry.space_group_name_H-M   'P 21 21 21'
#
loop_
_entity.id
_entity.type
_entity.pdbx_description
1 polymer 'Protein MD-1'
2 non-polymer '(1S)-2-{[{[(2R)-2,3-DIHYDROXYPROPYL]OXY}(HYDROXY)PHOSPHORYL]OXY}-1-[(PALMITOYLOXY)METHYL]ETHYL STEARATE'
3 non-polymer 'TRIETHYLENE GLYCOL'
4 non-polymer GLYCEROL
5 water water
#
_entity_poly.entity_id   1
_entity_poly.type   'polypeptide(L)'
_entity_poly.pdbx_seq_one_letter_code
;ADPGEWPTHTVCKEENLEIYYKSCDPQQDFAFSIDRCSDVTTHTFDIRAAMVLRQSIKELYAKVDLIINGKTVLSYSETL
CGPGLSKLIFCGKKKGEHLYYEGPITLGIKEIPQRDYTITARLTNEDRATVACADFTVKNYLDYSASLVPR
;
_entity_poly.pdbx_strand_id   A,B
#
# COMPACT_ATOMS: atom_id res chain seq x y z
N GLU A 5 -25.81 0.60 9.18
CA GLU A 5 -27.00 0.03 9.88
C GLU A 5 -26.65 -1.17 10.77
N TRP A 6 -25.60 -1.93 10.46
CA TRP A 6 -25.11 -2.86 11.46
C TRP A 6 -24.57 -2.07 12.64
N PRO A 7 -24.59 -2.67 13.83
CA PRO A 7 -24.12 -1.90 14.98
C PRO A 7 -22.61 -1.73 14.92
N THR A 8 -22.12 -0.68 15.56
CA THR A 8 -20.68 -0.48 15.62
C THR A 8 -20.24 -1.14 16.90
N HIS A 9 -19.31 -2.07 16.82
CA HIS A 9 -18.88 -2.84 17.96
C HIS A 9 -17.59 -2.30 18.55
N THR A 10 -17.51 -2.23 19.87
CA THR A 10 -16.32 -1.77 20.53
C THR A 10 -15.35 -2.92 20.59
N VAL A 11 -14.14 -2.76 20.08
CA VAL A 11 -13.10 -3.82 20.12
C VAL A 11 -12.10 -3.50 21.24
N CYS A 12 -11.65 -2.23 21.30
CA CYS A 12 -10.71 -1.75 22.31
C CYS A 12 -11.17 -0.40 22.76
N LYS A 13 -11.11 -0.15 24.05
CA LYS A 13 -11.28 1.20 24.60
C LYS A 13 -10.50 1.26 25.91
N GLU A 14 -9.25 1.75 25.82
CA GLU A 14 -8.41 1.95 26.99
C GLU A 14 -7.81 3.32 26.92
N GLU A 15 -7.05 3.73 27.94
CA GLU A 15 -6.75 5.15 28.12
C GLU A 15 -6.41 5.81 26.78
N ASN A 16 -5.47 5.25 26.05
CA ASN A 16 -4.93 5.95 24.90
C ASN A 16 -5.14 5.20 23.58
N LEU A 17 -6.08 4.26 23.56
CA LEU A 17 -6.32 3.43 22.38
C LEU A 17 -7.77 3.02 22.27
N GLU A 18 -8.37 3.29 21.12
CA GLU A 18 -9.75 2.89 20.89
C GLU A 18 -9.84 2.33 19.51
N ILE A 19 -10.59 1.23 19.39
CA ILE A 19 -10.81 0.56 18.10
C ILE A 19 -12.25 0.02 18.02
N TYR A 20 -12.96 0.35 16.93
CA TYR A 20 -14.36 -0.04 16.73
C TYR A 20 -14.44 -0.66 15.35
N TYR A 21 -15.41 -1.53 15.11
CA TYR A 21 -15.67 -1.98 13.73
C TYR A 21 -17.19 -1.98 13.46
N LYS A 22 -17.53 -1.81 12.17
CA LYS A 22 -18.87 -1.99 11.67
C LYS A 22 -18.77 -2.77 10.38
N SER A 23 -19.55 -3.83 10.25
CA SER A 23 -19.64 -4.55 8.99
C SER A 23 -20.23 -3.65 7.90
N CYS A 24 -19.60 -3.64 6.74
CA CYS A 24 -20.15 -3.01 5.55
C CYS A 24 -20.71 -4.05 4.56
N ASP A 25 -20.85 -5.31 4.97
CA ASP A 25 -21.52 -6.31 4.13
C ASP A 25 -22.99 -6.19 4.49
N PRO A 26 -23.85 -5.83 3.53
CA PRO A 26 -25.27 -5.64 3.92
C PRO A 26 -25.96 -6.92 4.35
N GLN A 27 -25.46 -8.06 3.93
CA GLN A 27 -26.08 -9.34 4.30
C GLN A 27 -25.91 -9.67 5.79
N GLN A 28 -24.76 -9.35 6.38
CA GLN A 28 -24.50 -9.77 7.78
C GLN A 28 -23.41 -9.02 8.55
N ASP A 29 -23.51 -9.19 9.86
CA ASP A 29 -22.49 -8.80 10.83
C ASP A 29 -21.55 -10.02 11.05
N PHE A 30 -20.54 -9.81 11.88
CA PHE A 30 -19.60 -10.89 12.25
C PHE A 30 -19.04 -10.51 13.62
N ALA A 31 -18.37 -11.49 14.24
CA ALA A 31 -17.81 -11.34 15.59
C ALA A 31 -16.32 -11.15 15.44
N PHE A 32 -15.71 -10.29 16.23
CA PHE A 32 -14.27 -10.01 16.14
C PHE A 32 -13.78 -9.49 17.46
N SER A 33 -12.67 -10.04 17.94
CA SER A 33 -12.06 -9.55 19.19
C SER A 33 -10.55 -9.55 19.02
N ILE A 34 -9.86 -8.67 19.74
CA ILE A 34 -8.39 -8.66 19.77
C ILE A 34 -7.97 -9.04 21.20
N ASP A 35 -7.07 -10.03 21.32
CA ASP A 35 -6.71 -10.57 22.65
C ASP A 35 -6.00 -9.55 23.55
N ARG A 36 -5.10 -8.75 22.96
CA ARG A 36 -4.40 -7.66 23.63
C ARG A 36 -4.32 -6.42 22.72
N CYS A 37 -5.11 -5.43 23.07
CA CYS A 37 -5.27 -4.24 22.26
C CYS A 37 -3.95 -3.52 21.96
N SER A 38 -3.09 -3.36 22.95
CA SER A 38 -1.83 -2.64 22.74
C SER A 38 -0.90 -3.33 21.70
N ASP A 39 -1.15 -4.62 21.38
CA ASP A 39 -0.35 -5.28 20.34
C ASP A 39 -0.60 -4.69 18.96
N VAL A 40 -1.71 -4.02 18.74
CA VAL A 40 -1.97 -3.39 17.44
C VAL A 40 -0.85 -2.44 17.04
N THR A 41 -0.16 -1.83 18.01
CA THR A 41 0.93 -0.91 17.71
C THR A 41 2.14 -1.60 17.05
N THR A 42 2.26 -2.91 17.20
CA THR A 42 3.37 -3.67 16.65
C THR A 42 3.00 -4.22 15.25
N HIS A 43 1.76 -3.97 14.82
CA HIS A 43 1.28 -4.43 13.52
C HIS A 43 1.11 -5.97 13.39
N THR A 44 1.54 -6.75 14.40
CA THR A 44 1.08 -8.14 14.53
C THR A 44 0.36 -8.36 15.88
N PHE A 45 -0.86 -8.88 15.83
CA PHE A 45 -1.65 -9.06 17.03
C PHE A 45 -2.58 -10.24 16.80
N ASP A 46 -2.99 -10.84 17.91
CA ASP A 46 -3.85 -12.01 17.87
C ASP A 46 -5.31 -11.61 17.94
N ILE A 47 -6.12 -12.25 17.09
CA ILE A 47 -7.57 -12.04 17.08
C ILE A 47 -8.35 -13.34 17.20
N ARG A 48 -9.63 -13.18 17.50
CA ARG A 48 -10.61 -14.22 17.37
C ARG A 48 -11.69 -13.63 16.48
N ALA A 49 -12.15 -14.40 15.52
CA ALA A 49 -13.18 -13.92 14.60
C ALA A 49 -14.12 -15.06 14.18
N ALA A 50 -15.38 -14.74 13.94
CA ALA A 50 -16.37 -15.73 13.55
C ALA A 50 -17.40 -15.16 12.57
N MET A 51 -17.73 -15.92 11.55
CA MET A 51 -18.76 -15.44 10.63
C MET A 51 -19.36 -16.61 9.90
N VAL A 52 -20.59 -16.47 9.43
CA VAL A 52 -21.20 -17.43 8.51
C VAL A 52 -20.72 -17.06 7.10
N LEU A 53 -20.21 -18.04 6.37
CA LEU A 53 -19.79 -17.82 5.01
C LEU A 53 -21.04 -17.90 4.12
N ARG A 54 -21.32 -16.82 3.38
CA ARG A 54 -22.49 -16.77 2.50
CA ARG A 54 -22.48 -16.75 2.49
C ARG A 54 -22.11 -16.93 1.02
N GLN A 55 -20.82 -17.06 0.74
CA GLN A 55 -20.32 -17.15 -0.63
C GLN A 55 -19.31 -18.28 -0.70
N SER A 56 -19.10 -18.82 -1.90
CA SER A 56 -17.99 -19.71 -2.17
C SER A 56 -16.68 -18.96 -1.90
N ILE A 57 -15.68 -19.67 -1.40
CA ILE A 57 -14.32 -19.09 -1.29
C ILE A 57 -13.29 -19.89 -2.06
N LYS A 58 -13.70 -20.43 -3.21
CA LYS A 58 -12.79 -21.19 -4.07
C LYS A 58 -11.49 -20.37 -4.23
N GLU A 59 -11.66 -19.07 -4.47
CA GLU A 59 -10.60 -18.11 -4.34
C GLU A 59 -11.03 -17.13 -3.25
N LEU A 60 -10.08 -16.70 -2.40
CA LEU A 60 -10.34 -15.67 -1.39
C LEU A 60 -9.24 -14.63 -1.43
N TYR A 61 -9.64 -13.36 -1.54
CA TYR A 61 -8.74 -12.23 -1.71
C TYR A 61 -9.02 -11.25 -0.64
N ALA A 62 -7.99 -10.61 -0.11
CA ALA A 62 -8.25 -9.54 0.83
C ALA A 62 -7.75 -8.24 0.23
N LYS A 63 -8.51 -7.17 0.47
CA LYS A 63 -8.09 -5.86 0.09
C LYS A 63 -8.20 -5.00 1.32
N VAL A 64 -7.10 -4.36 1.69
CA VAL A 64 -6.99 -3.56 2.91
C VAL A 64 -6.60 -2.14 2.52
N ASP A 65 -7.38 -1.17 3.02
CA ASP A 65 -7.26 0.25 2.67
C ASP A 65 -7.03 1.08 3.96
N LEU A 66 -6.07 1.99 3.96
CA LEU A 66 -5.81 2.87 5.10
C LEU A 66 -6.38 4.18 4.68
N ILE A 67 -7.32 4.70 5.47
CA ILE A 67 -8.03 5.89 5.12
C ILE A 67 -7.83 6.92 6.25
N ILE A 68 -7.41 8.12 5.87
CA ILE A 68 -6.98 9.16 6.79
C ILE A 68 -7.62 10.42 6.23
N ASN A 69 -8.48 11.06 7.04
CA ASN A 69 -9.23 12.24 6.62
C ASN A 69 -10.04 12.05 5.32
N GLY A 70 -10.72 10.91 5.23
CA GLY A 70 -11.52 10.60 4.05
C GLY A 70 -10.72 10.13 2.83
N LYS A 71 -9.38 10.19 2.90
CA LYS A 71 -8.51 9.79 1.78
C LYS A 71 -7.91 8.41 1.94
N THR A 72 -8.02 7.60 0.90
CA THR A 72 -7.33 6.34 0.87
C THR A 72 -5.88 6.60 0.57
N VAL A 73 -5.02 6.44 1.57
CA VAL A 73 -3.59 6.74 1.43
C VAL A 73 -2.76 5.52 1.07
N LEU A 74 -3.30 4.34 1.31
CA LEU A 74 -2.62 3.10 1.05
C LEU A 74 -3.64 1.98 0.88
N SER A 75 -3.36 1.13 -0.08
CA SER A 75 -4.23 0.00 -0.31
C SER A 75 -3.40 -1.15 -0.75
N TYR A 76 -3.68 -2.34 -0.21
CA TYR A 76 -2.97 -3.54 -0.65
C TYR A 76 -3.89 -4.73 -0.72
N SER A 77 -3.48 -5.72 -1.50
CA SER A 77 -4.29 -6.85 -1.80
C SER A 77 -3.44 -8.06 -1.54
N GLU A 78 -4.04 -9.09 -0.96
CA GLU A 78 -3.34 -10.32 -0.63
C GLU A 78 -4.26 -11.47 -1.06
N THR A 79 -3.70 -12.51 -1.65
CA THR A 79 -4.45 -13.75 -1.92
C THR A 79 -4.36 -14.70 -0.69
N LEU A 80 -5.51 -15.08 -0.20
CA LEU A 80 -5.61 -15.96 0.94
C LEU A 80 -5.82 -17.42 0.51
N CYS A 81 -6.66 -17.63 -0.50
CA CYS A 81 -6.98 -18.96 -0.99
C CYS A 81 -6.97 -18.95 -2.51
N GLY A 82 -6.46 -20.01 -3.10
CA GLY A 82 -6.58 -20.21 -4.50
C GLY A 82 -5.79 -21.39 -4.96
N PRO A 83 -5.92 -21.76 -6.22
CA PRO A 83 -5.11 -22.89 -6.69
C PRO A 83 -3.62 -22.63 -6.49
N GLY A 84 -2.91 -23.45 -5.73
CA GLY A 84 -1.47 -23.20 -5.48
C GLY A 84 -1.10 -21.97 -4.65
N LEU A 85 -2.09 -21.32 -4.05
CA LEU A 85 -1.87 -20.06 -3.30
C LEU A 85 -2.58 -20.07 -1.97
N SER A 86 -2.89 -21.24 -1.40
CA SER A 86 -3.67 -21.25 -0.17
C SER A 86 -2.86 -21.13 1.16
N LYS A 87 -3.17 -20.10 1.93
CA LYS A 87 -2.39 -19.70 3.09
C LYS A 87 -3.03 -20.14 4.40
N LEU A 88 -4.34 -20.41 4.37
CA LEU A 88 -5.10 -20.77 5.58
C LEU A 88 -5.71 -22.18 5.48
N ILE A 89 -5.65 -22.95 6.58
CA ILE A 89 -6.15 -24.33 6.56
C ILE A 89 -7.65 -24.38 6.21
N PHE A 90 -8.38 -23.33 6.62
CA PHE A 90 -9.80 -23.24 6.35
C PHE A 90 -10.15 -22.85 4.88
N CYS A 91 -9.16 -22.57 4.03
CA CYS A 91 -9.46 -22.53 2.60
C CYS A 91 -10.24 -23.79 2.25
N GLY A 92 -11.17 -23.69 1.33
CA GLY A 92 -11.88 -24.91 0.91
C GLY A 92 -13.17 -25.16 1.64
N LYS A 93 -13.44 -24.37 2.67
CA LYS A 93 -14.71 -24.40 3.37
C LYS A 93 -15.84 -24.10 2.39
N LYS A 94 -16.95 -24.79 2.54
CA LYS A 94 -18.10 -24.59 1.67
C LYS A 94 -18.98 -23.37 2.07
N LYS A 95 -19.69 -22.88 1.07
CA LYS A 95 -20.75 -21.88 1.29
C LYS A 95 -21.69 -22.42 2.38
N GLY A 96 -22.01 -21.56 3.35
CA GLY A 96 -22.89 -21.91 4.46
C GLY A 96 -22.18 -22.35 5.73
N GLU A 97 -20.87 -22.59 5.67
CA GLU A 97 -20.17 -23.00 6.88
C GLU A 97 -19.98 -21.84 7.86
N HIS A 98 -19.93 -22.16 9.12
CA HIS A 98 -19.59 -21.14 10.14
C HIS A 98 -18.09 -21.15 10.26
N LEU A 99 -17.46 -20.03 9.96
CA LEU A 99 -16.02 -19.92 9.96
C LEU A 99 -15.52 -19.35 11.31
N TYR A 100 -14.46 -19.96 11.86
CA TYR A 100 -13.79 -19.49 13.08
C TYR A 100 -12.31 -19.37 12.85
N TYR A 101 -11.76 -18.18 13.14
CA TYR A 101 -10.34 -17.98 13.07
C TYR A 101 -9.87 -17.51 14.43
N GLU A 102 -8.84 -18.17 14.96
CA GLU A 102 -8.15 -17.67 16.13
C GLU A 102 -6.69 -17.70 15.82
N GLY A 103 -6.03 -16.56 15.88
CA GLY A 103 -4.62 -16.52 15.54
C GLY A 103 -4.13 -15.16 15.15
N PRO A 104 -2.87 -15.07 14.69
CA PRO A 104 -2.26 -13.81 14.40
C PRO A 104 -2.81 -13.16 13.12
N ILE A 105 -2.70 -11.84 13.07
CA ILE A 105 -3.06 -10.98 11.93
C ILE A 105 -1.82 -10.09 11.81
N THR A 106 -1.29 -9.95 10.61
CA THR A 106 -0.19 -9.05 10.35
C THR A 106 -0.62 -8.13 9.20
N LEU A 107 -0.72 -6.84 9.48
CA LEU A 107 -1.10 -5.86 8.48
C LEU A 107 0.14 -5.36 7.80
N GLY A 108 0.12 -5.35 6.47
CA GLY A 108 1.26 -4.91 5.67
C GLY A 108 1.39 -3.41 5.53
N ILE A 109 1.23 -2.69 6.64
CA ILE A 109 1.43 -1.26 6.64
C ILE A 109 2.77 -1.00 7.32
N LYS A 110 3.64 -0.26 6.65
CA LYS A 110 5.00 -0.01 7.15
C LYS A 110 5.02 0.86 8.41
N GLU A 111 4.75 2.16 8.26
CA GLU A 111 4.68 3.03 9.42
C GLU A 111 3.27 2.87 9.91
N ILE A 112 3.10 1.99 10.92
CA ILE A 112 1.82 1.78 11.59
C ILE A 112 1.33 3.13 12.12
N PRO A 113 0.11 3.54 11.72
CA PRO A 113 -0.21 4.97 11.95
C PRO A 113 -0.58 5.31 13.41
N GLN A 114 -0.18 6.52 13.81
CA GLN A 114 -0.66 7.14 15.03
C GLN A 114 -1.97 7.86 14.66
N ARG A 115 -2.50 8.63 15.61
CA ARG A 115 -3.60 9.55 15.31
C ARG A 115 -4.94 8.78 15.08
N ASP A 116 -5.84 9.39 14.32
CA ASP A 116 -7.13 8.82 14.00
C ASP A 116 -7.14 8.34 12.55
N TYR A 117 -7.53 7.08 12.37
CA TYR A 117 -7.60 6.52 11.03
C TYR A 117 -8.54 5.36 10.96
N THR A 118 -8.82 4.97 9.71
CA THR A 118 -9.69 3.89 9.40
C THR A 118 -8.95 2.83 8.54
N ILE A 119 -9.16 1.57 8.87
CA ILE A 119 -8.76 0.47 8.03
C ILE A 119 -10.02 -0.22 7.56
N THR A 120 -10.20 -0.23 6.24
CA THR A 120 -11.29 -0.98 5.63
C THR A 120 -10.69 -2.26 5.07
N ALA A 121 -11.34 -3.37 5.38
CA ALA A 121 -10.88 -4.70 4.93
C ALA A 121 -12.04 -5.34 4.23
N ARG A 122 -11.82 -5.81 3.01
CA ARG A 122 -12.83 -6.51 2.25
C ARG A 122 -12.26 -7.83 1.78
N LEU A 123 -12.99 -8.90 2.04
CA LEU A 123 -12.68 -10.22 1.48
C LEU A 123 -13.62 -10.47 0.31
N THR A 124 -13.06 -10.90 -0.83
CA THR A 124 -13.82 -11.19 -2.00
C THR A 124 -13.43 -12.54 -2.54
N ASN A 125 -14.27 -13.11 -3.41
CA ASN A 125 -14.03 -14.46 -3.90
C ASN A 125 -13.66 -14.50 -5.39
N GLU A 126 -13.68 -15.69 -5.98
CA GLU A 126 -13.44 -15.88 -7.41
C GLU A 126 -14.37 -15.05 -8.32
N ASP A 127 -15.54 -14.69 -7.80
CA ASP A 127 -16.53 -13.95 -8.59
C ASP A 127 -16.56 -12.45 -8.21
N ARG A 128 -15.51 -11.99 -7.54
CA ARG A 128 -15.44 -10.63 -6.98
C ARG A 128 -16.56 -10.32 -5.97
N ALA A 129 -17.26 -11.36 -5.51
CA ALA A 129 -18.36 -11.21 -4.54
C ALA A 129 -17.79 -10.99 -3.14
N THR A 130 -18.46 -10.14 -2.36
CA THR A 130 -18.02 -9.78 -1.01
C THR A 130 -18.33 -10.91 -0.04
N VAL A 131 -17.29 -11.43 0.59
CA VAL A 131 -17.40 -12.49 1.59
C VAL A 131 -17.49 -11.86 2.99
N ALA A 132 -16.77 -10.75 3.17
CA ALA A 132 -16.83 -9.98 4.41
C ALA A 132 -16.32 -8.56 4.16
N CYS A 133 -16.78 -7.63 4.97
CA CYS A 133 -16.34 -6.27 4.74
C CYS A 133 -16.43 -5.57 6.06
N ALA A 134 -15.37 -4.92 6.51
CA ALA A 134 -15.54 -4.07 7.71
C ALA A 134 -14.75 -2.79 7.63
N ASP A 135 -15.28 -1.74 8.27
CA ASP A 135 -14.53 -0.54 8.62
C ASP A 135 -14.06 -0.59 10.05
N PHE A 136 -12.75 -0.57 10.24
CA PHE A 136 -12.13 -0.49 11.55
C PHE A 136 -11.77 0.96 11.86
N THR A 137 -12.43 1.57 12.84
CA THR A 137 -12.08 2.92 13.27
C THR A 137 -11.02 2.84 14.39
N VAL A 138 -9.92 3.55 14.23
CA VAL A 138 -8.84 3.52 15.20
C VAL A 138 -8.49 4.90 15.74
N LYS A 139 -8.35 4.98 17.06
CA LYS A 139 -7.87 6.14 17.77
C LYS A 139 -6.69 5.74 18.63
N ASN A 140 -5.49 5.99 18.11
CA ASN A 140 -4.27 5.45 18.68
C ASN A 140 -3.40 6.59 19.17
N TYR A 141 -3.44 6.84 20.48
CA TYR A 141 -2.60 7.88 21.10
C TYR A 141 -1.56 7.29 22.07
N LEU A 142 -1.32 5.97 21.97
CA LEU A 142 -0.38 5.25 22.87
C LEU A 142 1.02 5.90 22.88
N PRO B 3 6.01 7.56 -25.10
CA PRO B 3 6.58 7.16 -23.80
C PRO B 3 7.32 5.79 -23.80
N GLY B 4 6.81 4.81 -24.55
CA GLY B 4 7.42 3.46 -24.64
C GLY B 4 8.65 3.50 -25.52
N GLU B 5 9.01 4.70 -25.97
CA GLU B 5 10.14 4.90 -26.86
C GLU B 5 11.32 5.40 -26.06
N TRP B 6 11.11 5.85 -24.80
CA TRP B 6 12.25 6.29 -24.03
C TRP B 6 13.17 5.11 -23.75
N PRO B 7 14.46 5.37 -23.64
CA PRO B 7 15.35 4.24 -23.45
C PRO B 7 15.21 3.69 -22.05
N THR B 8 15.52 2.41 -21.88
CA THR B 8 15.48 1.84 -20.54
C THR B 8 16.87 2.02 -19.96
N HIS B 9 16.97 2.69 -18.82
CA HIS B 9 18.26 3.02 -18.20
C HIS B 9 18.67 2.01 -17.12
N THR B 10 19.95 1.65 -17.09
CA THR B 10 20.43 0.72 -16.07
C THR B 10 20.76 1.51 -14.85
N VAL B 11 20.17 1.19 -13.70
CA VAL B 11 20.48 1.88 -12.45
C VAL B 11 21.49 1.04 -11.60
N CYS B 12 21.20 -0.25 -11.50
CA CYS B 12 22.04 -1.19 -10.79
C CYS B 12 22.11 -2.45 -11.61
N LYS B 13 23.30 -3.06 -11.69
CA LYS B 13 23.44 -4.41 -12.20
C LYS B 13 24.69 -4.99 -11.50
N GLU B 14 24.46 -5.74 -10.42
CA GLU B 14 25.52 -6.46 -9.71
C GLU B 14 25.10 -7.88 -9.45
N GLU B 15 25.95 -8.67 -8.81
CA GLU B 15 25.75 -10.10 -8.86
C GLU B 15 24.27 -10.47 -8.67
N ASN B 16 23.66 -9.97 -7.62
CA ASN B 16 22.35 -10.46 -7.24
C ASN B 16 21.28 -9.37 -7.18
N LEU B 17 21.53 -8.26 -7.88
CA LEU B 17 20.59 -7.13 -7.85
C LEU B 17 20.64 -6.35 -9.15
N GLU B 18 19.49 -6.18 -9.78
CA GLU B 18 19.42 -5.38 -11.00
C GLU B 18 18.24 -4.48 -10.89
N ILE B 19 18.42 -3.24 -11.32
CA ILE B 19 17.37 -2.22 -11.29
C ILE B 19 17.43 -1.36 -12.55
N TYR B 20 16.32 -1.25 -13.27
CA TYR B 20 16.24 -0.47 -14.48
C TYR B 20 15.08 0.50 -14.34
N TYR B 21 15.08 1.60 -15.10
CA TYR B 21 13.88 2.44 -15.18
C TYR B 21 13.67 2.91 -16.64
N LYS B 22 12.41 3.18 -16.97
CA LYS B 22 12.00 3.81 -18.21
C LYS B 22 10.94 4.86 -17.87
N SER B 23 11.09 6.08 -18.35
CA SER B 23 10.04 7.11 -18.18
C SER B 23 8.78 6.68 -18.95
N CYS B 24 7.62 6.80 -18.33
CA CYS B 24 6.34 6.65 -19.02
C CYS B 24 5.69 8.04 -19.24
N ASP B 25 6.44 9.14 -19.02
CA ASP B 25 5.93 10.45 -19.37
C ASP B 25 6.29 10.65 -20.86
N PRO B 26 5.29 10.76 -21.74
CA PRO B 26 5.67 10.87 -23.15
C PRO B 26 6.43 12.16 -23.50
N GLN B 27 6.18 13.22 -22.74
CA GLN B 27 6.90 14.49 -22.83
C GLN B 27 8.41 14.38 -22.67
N GLN B 28 8.90 13.57 -21.72
CA GLN B 28 10.36 13.52 -21.44
C GLN B 28 10.90 12.37 -20.57
N ASP B 29 12.22 12.21 -20.71
CA ASP B 29 13.04 11.33 -19.88
C ASP B 29 13.54 12.14 -18.68
N PHE B 30 14.23 11.45 -17.79
CA PHE B 30 14.86 12.06 -16.61
C PHE B 30 16.11 11.27 -16.24
N ALA B 31 16.94 11.85 -15.38
CA ALA B 31 18.19 11.26 -14.95
C ALA B 31 18.00 10.75 -13.53
N PHE B 32 18.47 9.54 -13.22
CA PHE B 32 18.27 8.93 -11.89
C PHE B 32 19.40 7.95 -11.59
N SER B 33 19.99 8.07 -10.41
CA SER B 33 21.06 7.18 -9.99
C SER B 33 20.90 6.85 -8.52
N ILE B 34 21.38 5.68 -8.10
CA ILE B 34 21.35 5.27 -6.69
C ILE B 34 22.82 5.17 -6.24
N ASP B 35 23.16 5.85 -5.14
CA ASP B 35 24.56 5.92 -4.73
C ASP B 35 25.15 4.54 -4.35
N ARG B 36 24.35 3.73 -3.63
CA ARG B 36 24.71 2.39 -3.26
C ARG B 36 23.52 1.44 -3.43
N CYS B 37 23.62 0.62 -4.47
CA CYS B 37 22.53 -0.26 -4.88
C CYS B 37 22.00 -1.17 -3.78
N SER B 38 22.88 -1.79 -3.01
CA SER B 38 22.44 -2.70 -1.96
C SER B 38 21.63 -2.01 -0.85
N ASP B 39 21.67 -0.68 -0.79
CA ASP B 39 20.80 0.02 0.20
C ASP B 39 19.30 -0.10 -0.13
N VAL B 40 18.96 -0.41 -1.37
CA VAL B 40 17.54 -0.59 -1.71
C VAL B 40 16.89 -1.68 -0.84
N THR B 41 17.64 -2.67 -0.36
CA THR B 41 17.05 -3.73 0.48
C THR B 41 16.56 -3.23 1.84
N THR B 42 17.05 -2.06 2.25
CA THR B 42 16.68 -1.48 3.54
C THR B 42 15.50 -0.51 3.37
N HIS B 43 15.01 -0.37 2.15
CA HIS B 43 13.89 0.55 1.82
C HIS B 43 14.18 2.08 2.03
N THR B 44 15.34 2.44 2.64
CA THR B 44 15.87 3.80 2.55
C THR B 44 17.25 3.88 1.89
N PHE B 45 17.35 4.68 0.82
CA PHE B 45 18.58 4.70 0.03
C PHE B 45 18.73 6.09 -0.57
N ASP B 46 19.96 6.46 -0.88
CA ASP B 46 20.25 7.80 -1.38
C ASP B 46 20.29 7.79 -2.91
N ILE B 47 19.63 8.77 -3.50
CA ILE B 47 19.59 8.93 -4.95
C ILE B 47 20.11 10.30 -5.41
N ARG B 48 20.36 10.38 -6.70
CA ARG B 48 20.50 11.66 -7.41
C ARG B 48 19.54 11.61 -8.57
N ALA B 49 18.79 12.67 -8.77
CA ALA B 49 17.81 12.70 -9.83
C ALA B 49 17.72 14.09 -10.44
N ALA B 50 17.40 14.17 -11.72
CA ALA B 50 17.31 15.48 -12.37
C ALA B 50 16.28 15.46 -13.49
N MET B 51 15.46 16.49 -13.57
CA MET B 51 14.48 16.58 -14.64
C MET B 51 14.08 18.04 -14.89
N VAL B 52 13.62 18.31 -16.12
CA VAL B 52 13.00 19.58 -16.44
C VAL B 52 11.54 19.44 -16.01
N LEU B 53 11.07 20.40 -15.23
CA LEU B 53 9.68 20.50 -14.84
C LEU B 53 8.86 21.14 -15.95
N ARG B 54 7.88 20.40 -16.45
CA ARG B 54 7.05 20.88 -17.56
C ARG B 54 5.65 21.29 -17.13
N GLN B 55 5.38 21.21 -15.82
CA GLN B 55 4.05 21.48 -15.29
C GLN B 55 4.25 22.24 -14.02
N SER B 56 3.25 23.04 -13.66
CA SER B 56 3.17 23.62 -12.34
C SER B 56 3.19 22.50 -11.31
N ILE B 57 3.89 22.75 -10.19
CA ILE B 57 3.80 21.85 -9.02
C ILE B 57 3.19 22.59 -7.77
N LYS B 58 2.23 23.49 -8.00
CA LYS B 58 1.56 24.22 -6.88
C LYS B 58 1.12 23.19 -5.80
N GLU B 59 0.58 22.08 -6.27
CA GLU B 59 0.44 20.88 -5.46
C GLU B 59 1.20 19.78 -6.16
N LEU B 60 1.95 18.94 -5.41
CA LEU B 60 2.68 17.81 -5.97
C LEU B 60 2.35 16.54 -5.18
N TYR B 61 1.92 15.52 -5.92
CA TYR B 61 1.42 14.29 -5.35
C TYR B 61 2.16 13.14 -5.92
N ALA B 62 2.44 12.12 -5.12
CA ALA B 62 3.12 10.95 -5.63
C ALA B 62 2.18 9.79 -5.44
N LYS B 63 2.12 8.94 -6.44
CA LYS B 63 1.42 7.67 -6.29
C LYS B 63 2.42 6.60 -6.67
N VAL B 64 2.59 5.62 -5.79
CA VAL B 64 3.58 4.54 -5.96
C VAL B 64 2.86 3.22 -5.91
N ASP B 65 3.06 2.38 -6.94
CA ASP B 65 2.38 1.11 -7.12
C ASP B 65 3.45 -0.02 -7.16
N LEU B 66 3.19 -1.13 -6.46
CA LEU B 66 4.09 -2.30 -6.52
C LEU B 66 3.36 -3.30 -7.34
N ILE B 67 4.00 -3.75 -8.41
CA ILE B 67 3.35 -4.60 -9.38
C ILE B 67 4.14 -5.90 -9.53
N ILE B 68 3.46 -7.02 -9.37
CA ILE B 68 4.07 -8.34 -9.29
C ILE B 68 3.26 -9.22 -10.21
N ASN B 69 3.90 -9.76 -11.24
CA ASN B 69 3.21 -10.63 -12.22
C ASN B 69 2.00 -9.96 -12.91
N GLY B 70 2.19 -8.69 -13.26
CA GLY B 70 1.15 -7.88 -13.90
C GLY B 70 0.10 -7.31 -12.97
N LYS B 71 0.12 -7.72 -11.69
CA LYS B 71 -0.88 -7.31 -10.71
C LYS B 71 -0.40 -6.27 -9.75
N THR B 72 -1.17 -5.21 -9.62
CA THR B 72 -0.87 -4.19 -8.66
C THR B 72 -1.28 -4.73 -7.31
N VAL B 73 -0.30 -5.05 -6.48
CA VAL B 73 -0.53 -5.62 -5.18
C VAL B 73 -0.55 -4.60 -4.04
N LEU B 74 0.02 -3.43 -4.28
CA LEU B 74 0.01 -2.34 -3.31
C LEU B 74 0.17 -0.99 -3.98
N SER B 75 -0.56 -0.02 -3.47
CA SER B 75 -0.48 1.31 -4.01
C SER B 75 -0.59 2.27 -2.85
N TYR B 76 0.26 3.31 -2.84
CA TYR B 76 0.12 4.39 -1.87
C TYR B 76 0.34 5.74 -2.47
N SER B 77 -0.17 6.76 -1.78
CA SER B 77 -0.14 8.10 -2.29
C SER B 77 0.39 9.00 -1.21
N GLU B 78 1.24 9.93 -1.57
CA GLU B 78 1.84 10.84 -0.60
C GLU B 78 1.74 12.25 -1.16
N THR B 79 1.46 13.26 -0.32
CA THR B 79 1.51 14.64 -0.77
C THR B 79 2.92 15.15 -0.50
N LEU B 80 3.59 15.64 -1.56
CA LEU B 80 4.90 16.21 -1.46
C LEU B 80 4.85 17.75 -1.27
N CYS B 81 3.95 18.42 -1.99
CA CYS B 81 3.87 19.88 -1.96
C CYS B 81 2.42 20.22 -1.93
N GLY B 82 2.05 21.18 -1.06
CA GLY B 82 0.72 21.73 -1.08
C GLY B 82 0.56 22.74 0.06
N PRO B 83 -0.55 23.46 0.09
CA PRO B 83 -0.72 24.49 1.16
C PRO B 83 -0.65 23.80 2.53
N GLY B 84 0.30 24.18 3.38
CA GLY B 84 0.46 23.55 4.69
C GLY B 84 0.87 22.06 4.66
N LEU B 85 1.40 21.59 3.52
CA LEU B 85 1.78 20.17 3.38
C LEU B 85 3.12 19.98 2.72
N SER B 86 3.94 21.03 2.64
CA SER B 86 5.15 20.94 1.81
C SER B 86 6.33 20.27 2.53
N LYS B 87 6.85 19.21 1.93
CA LYS B 87 7.85 18.36 2.56
C LYS B 87 9.25 18.57 2.00
N LEU B 88 9.33 19.20 0.82
CA LEU B 88 10.61 19.42 0.12
C LEU B 88 10.91 20.92 -0.06
N ILE B 89 12.17 21.33 0.13
CA ILE B 89 12.54 22.75 -0.04
C ILE B 89 12.28 23.24 -1.49
N PHE B 90 12.35 22.31 -2.44
CA PHE B 90 12.10 22.67 -3.82
C PHE B 90 10.62 22.75 -4.22
N CYS B 91 9.70 22.47 -3.31
CA CYS B 91 8.32 22.91 -3.55
C CYS B 91 8.35 24.37 -3.97
N GLY B 92 7.44 24.78 -4.85
CA GLY B 92 7.40 26.19 -5.21
C GLY B 92 8.25 26.54 -6.43
N LYS B 93 9.02 25.58 -6.93
CA LYS B 93 9.72 25.76 -8.21
C LYS B 93 8.75 25.99 -9.37
N LYS B 94 9.10 26.91 -10.26
CA LYS B 94 8.22 27.28 -11.38
C LYS B 94 8.34 26.32 -12.55
N LYS B 95 7.26 26.29 -13.33
CA LYS B 95 7.21 25.56 -14.59
C LYS B 95 8.42 25.94 -15.44
N GLY B 96 9.10 24.95 -15.98
CA GLY B 96 10.30 25.15 -16.81
C GLY B 96 11.64 25.03 -16.10
N GLU B 97 11.65 25.02 -14.77
CA GLU B 97 12.91 24.90 -14.03
C GLU B 97 13.52 23.50 -14.19
N HIS B 98 14.83 23.46 -14.10
CA HIS B 98 15.55 22.18 -14.05
C HIS B 98 15.65 21.75 -12.62
N LEU B 99 15.02 20.64 -12.29
CA LEU B 99 14.94 20.19 -10.92
C LEU B 99 16.08 19.18 -10.60
N TYR B 100 16.75 19.37 -9.45
CA TYR B 100 17.80 18.46 -8.97
C TYR B 100 17.52 18.03 -7.56
N TYR B 101 17.52 16.72 -7.35
CA TYR B 101 17.32 16.18 -6.00
C TYR B 101 18.51 15.29 -5.71
N GLU B 102 19.17 15.51 -4.58
CA GLU B 102 20.12 14.56 -4.06
C GLU B 102 19.81 14.32 -2.62
N GLY B 103 19.51 13.08 -2.28
CA GLY B 103 19.16 12.78 -0.92
C GLY B 103 18.47 11.45 -0.77
N PRO B 104 17.99 11.16 0.44
CA PRO B 104 17.32 9.90 0.72
C PRO B 104 15.94 9.80 0.07
N ILE B 105 15.52 8.56 -0.15
CA ILE B 105 14.21 8.17 -0.64
C ILE B 105 13.82 7.07 0.33
N THR B 106 12.59 7.10 0.82
CA THR B 106 12.06 6.03 1.67
C THR B 106 10.71 5.55 1.13
N LEU B 107 10.67 4.32 0.65
CA LEU B 107 9.46 3.76 0.07
C LEU B 107 8.65 3.15 1.18
N GLY B 108 7.37 3.49 1.23
CA GLY B 108 6.46 3.00 2.26
C GLY B 108 5.91 1.60 2.04
N ILE B 109 6.78 0.67 1.66
CA ILE B 109 6.40 -0.70 1.49
C ILE B 109 6.98 -1.41 2.68
N LYS B 110 6.14 -2.18 3.36
CA LYS B 110 6.52 -2.87 4.58
C LYS B 110 7.51 -3.99 4.31
N GLU B 111 7.06 -5.12 3.76
CA GLU B 111 7.94 -6.23 3.44
C GLU B 111 8.50 -5.86 2.08
N ILE B 112 9.70 -5.24 2.10
CA ILE B 112 10.43 -4.90 0.87
C ILE B 112 10.61 -6.18 0.05
N PRO B 113 10.11 -6.16 -1.20
CA PRO B 113 9.98 -7.47 -1.88
C PRO B 113 11.30 -8.07 -2.40
N GLN B 114 11.36 -9.39 -2.34
CA GLN B 114 12.38 -10.17 -3.00
C GLN B 114 11.88 -10.43 -4.42
N ARG B 115 12.62 -11.26 -5.17
CA ARG B 115 12.13 -11.74 -6.46
C ARG B 115 12.15 -10.60 -7.51
N ASP B 116 11.26 -10.72 -8.49
CA ASP B 116 11.15 -9.79 -9.61
C ASP B 116 9.88 -8.98 -9.46
N TYR B 117 10.03 -7.67 -9.50
CA TYR B 117 8.89 -6.80 -9.39
C TYR B 117 9.13 -5.47 -10.04
N THR B 118 8.02 -4.74 -10.18
CA THR B 118 8.02 -3.40 -10.70
C THR B 118 7.44 -2.41 -9.70
N ILE B 119 8.10 -1.24 -9.61
CA ILE B 119 7.57 -0.09 -8.91
C ILE B 119 7.30 0.98 -9.96
N THR B 120 6.03 1.39 -10.04
CA THR B 120 5.64 2.49 -10.90
C THR B 120 5.40 3.67 -9.99
N ALA B 121 6.02 4.80 -10.32
CA ALA B 121 5.88 6.03 -9.55
C ALA B 121 5.39 7.12 -10.48
N ARG B 122 4.38 7.84 -10.05
CA ARG B 122 3.85 8.93 -10.84
C ARG B 122 3.72 10.16 -9.98
N LEU B 123 4.26 11.27 -10.46
CA LEU B 123 4.06 12.55 -9.81
C LEU B 123 3.03 13.32 -10.62
N THR B 124 2.05 13.88 -9.91
CA THR B 124 1.01 14.70 -10.50
C THR B 124 0.81 16.00 -9.69
N ASN B 125 0.11 16.95 -10.31
CA ASN B 125 -0.04 18.27 -9.75
C ASN B 125 -1.48 18.65 -9.39
N GLU B 126 -1.70 19.90 -9.03
CA GLU B 126 -3.04 20.37 -8.68
C GLU B 126 -4.10 20.09 -9.76
N ASP B 127 -3.65 19.86 -10.99
CA ASP B 127 -4.55 19.64 -12.10
C ASP B 127 -4.59 18.16 -12.55
N ARG B 128 -4.08 17.27 -11.69
CA ARG B 128 -3.93 15.85 -12.01
C ARG B 128 -3.02 15.59 -13.24
N ALA B 129 -2.26 16.60 -13.64
CA ALA B 129 -1.35 16.49 -14.77
C ALA B 129 -0.07 15.78 -14.32
N THR B 130 0.47 14.95 -15.19
CA THR B 130 1.67 14.19 -14.91
C THR B 130 2.91 15.07 -14.94
N VAL B 131 3.62 15.10 -13.84
CA VAL B 131 4.88 15.84 -13.70
C VAL B 131 6.09 14.91 -13.97
N ALA B 132 5.97 13.65 -13.54
CA ALA B 132 6.96 12.61 -13.88
C ALA B 132 6.31 11.26 -13.75
N CYS B 133 6.86 10.29 -14.43
CA CYS B 133 6.30 8.95 -14.37
C CYS B 133 7.43 8.01 -14.71
N ALA B 134 7.63 6.95 -13.92
CA ALA B 134 8.61 5.92 -14.30
C ALA B 134 8.18 4.53 -13.85
N ASP B 135 8.52 3.52 -14.66
CA ASP B 135 8.49 2.14 -14.22
C ASP B 135 9.90 1.75 -13.83
N PHE B 136 10.08 1.34 -12.57
CA PHE B 136 11.35 0.78 -12.08
C PHE B 136 11.26 -0.75 -12.05
N THR B 137 12.05 -1.43 -12.88
CA THR B 137 12.13 -2.90 -12.93
C THR B 137 13.20 -3.38 -11.95
N VAL B 138 12.79 -4.27 -11.04
CA VAL B 138 13.70 -4.75 -10.00
C VAL B 138 13.84 -6.25 -10.05
N LYS B 139 15.09 -6.72 -9.94
CA LYS B 139 15.45 -8.10 -9.80
C LYS B 139 16.40 -8.21 -8.61
N ASN B 140 15.81 -8.61 -7.49
CA ASN B 140 16.49 -8.59 -6.21
C ASN B 140 16.60 -10.03 -5.69
N TYR B 141 17.81 -10.59 -5.82
CA TYR B 141 18.11 -11.91 -5.31
C TYR B 141 19.18 -11.85 -4.19
N LEU B 142 19.41 -10.66 -3.61
CA LEU B 142 20.45 -10.47 -2.57
C LEU B 142 20.21 -11.39 -1.36
#